data_5CF3
#
_entry.id   5CF3
#
_cell.length_a   96.241
_cell.length_b   98.924
_cell.length_c   102.257
_cell.angle_alpha   90.000
_cell.angle_beta   90.000
_cell.angle_gamma   90.000
#
_symmetry.space_group_name_H-M   'I 2 2 2'
#
loop_
_entity.id
_entity.type
_entity.pdbx_description
1 polymer 'Bone sialoprotein-binding protein'
2 non-polymer 'CALCIUM ION'
3 water water
#
_entity_poly.entity_id   1
_entity_poly.type   'polypeptide(L)'
_entity_poly.pdbx_seq_one_letter_code
;GPLGSNNVNDLITVTKQMITEGIKDDGVIQAHDGEHIIYTSDFKIDNAVKAGDTMTVKYDKHTIPSDITDDFTPVDITDP
SGEVIAKGTFDLNTKTITYKFTDYVDRYENVNAKLELNSYIDKKEVPNETNLNLTFATADKETSKNVKVEYQKPIVKDES
NIQSIFSHLDTTKHEVEQTIYVNPLKLNAKNTNVTIKSGGVADNGDYYTGDGSTIIDSNTEIKVYKVASGQQLPQSNKIY
DYSQYEDVTNSVTINKNYGTNMANINFGDIDSAYIVKVVSKYTPGAEDDLAVQQGVRMTTTNKYNYSSYAGYTNTILSTT
DSGGGDGTVKP
;
_entity_poly.pdbx_strand_id   A
#
# COMPACT_ATOMS: atom_id res chain seq x y z
N GLY A 4 -13.27 -37.14 -1.15
CA GLY A 4 -12.05 -36.40 -0.89
C GLY A 4 -12.28 -34.90 -0.88
N SER A 5 -12.55 -34.35 0.29
CA SER A 5 -12.78 -32.93 0.48
C SER A 5 -12.89 -32.61 1.97
N ASN A 6 -11.83 -32.05 2.54
CA ASN A 6 -11.86 -31.74 3.96
C ASN A 6 -12.55 -30.41 4.24
N ASN A 7 -13.20 -29.84 3.23
CA ASN A 7 -13.91 -28.58 3.40
C ASN A 7 -15.22 -28.75 4.16
N VAL A 8 -15.43 -27.91 5.17
CA VAL A 8 -16.61 -28.05 6.04
C VAL A 8 -17.42 -26.76 6.12
N ASN A 9 -17.38 -25.95 5.06
CA ASN A 9 -18.17 -24.72 5.05
C ASN A 9 -19.65 -25.02 5.21
N ASP A 10 -20.08 -26.21 4.80
CA ASP A 10 -21.47 -26.63 5.03
C ASP A 10 -21.79 -26.84 6.52
N LEU A 11 -20.78 -26.95 7.37
CA LEU A 11 -21.02 -27.10 8.80
C LEU A 11 -20.79 -25.78 9.57
N ILE A 12 -20.53 -24.71 8.84
CA ILE A 12 -20.35 -23.40 9.45
C ILE A 12 -21.65 -22.63 9.33
N THR A 13 -22.19 -22.18 10.46
CA THR A 13 -23.37 -21.35 10.45
C THR A 13 -23.02 -19.91 10.77
N VAL A 14 -23.02 -19.04 9.75
CA VAL A 14 -22.69 -17.63 9.99
C VAL A 14 -23.89 -16.84 10.52
N THR A 15 -23.72 -16.23 11.69
CA THR A 15 -24.83 -15.55 12.35
C THR A 15 -24.82 -14.01 12.25
N LYS A 16 -23.68 -13.45 11.84
CA LYS A 16 -23.55 -12.00 11.68
C LYS A 16 -22.28 -11.69 10.92
N GLN A 17 -22.37 -10.86 9.88
CA GLN A 17 -21.14 -10.50 9.20
C GLN A 17 -21.21 -8.99 9.08
N MET A 18 -20.08 -8.33 8.90
CA MET A 18 -20.09 -6.87 8.73
C MET A 18 -18.90 -6.39 7.91
N ILE A 19 -19.08 -5.32 7.13
CA ILE A 19 -17.94 -4.65 6.50
C ILE A 19 -17.82 -3.26 7.10
N THR A 20 -16.69 -2.96 7.73
CA THR A 20 -16.48 -1.64 8.32
C THR A 20 -15.13 -1.04 7.88
N GLU A 21 -14.85 0.19 8.29
CA GLU A 21 -13.64 0.88 7.85
C GLU A 21 -12.70 1.18 9.01
N GLY A 22 -11.42 1.31 8.69
CA GLY A 22 -10.40 1.45 9.71
C GLY A 22 -10.21 2.84 10.31
N ILE A 23 -10.62 3.89 9.61
CA ILE A 23 -10.33 5.25 10.05
C ILE A 23 -11.61 5.98 10.40
N LYS A 24 -12.53 6.05 9.45
CA LYS A 24 -13.79 6.73 9.66
C LYS A 24 -14.84 6.05 8.80
N ASP A 25 -15.96 5.67 9.40
CA ASP A 25 -16.96 4.94 8.63
C ASP A 25 -17.63 5.91 7.64
N ASP A 26 -16.88 6.18 6.57
CA ASP A 26 -17.15 7.19 5.57
C ASP A 26 -18.04 6.75 4.42
N GLY A 27 -17.92 5.49 4.03
CA GLY A 27 -18.37 5.06 2.72
C GLY A 27 -17.30 5.46 1.72
N VAL A 28 -16.20 6.02 2.24
CA VAL A 28 -15.08 6.47 1.45
C VAL A 28 -13.78 5.87 2.00
N ILE A 29 -13.07 5.11 1.19
CA ILE A 29 -11.84 4.49 1.65
C ILE A 29 -10.64 5.36 1.34
N GLN A 30 -9.93 5.80 2.38
CA GLN A 30 -8.74 6.62 2.18
C GLN A 30 -7.53 5.74 1.93
N ALA A 31 -7.41 5.21 0.71
CA ALA A 31 -6.42 4.17 0.42
C ALA A 31 -4.98 4.65 0.63
N HIS A 32 -4.73 5.94 0.40
CA HIS A 32 -3.38 6.46 0.59
C HIS A 32 -3.12 6.91 2.04
N ASP A 33 -4.11 6.73 2.90
CA ASP A 33 -3.87 6.86 4.34
C ASP A 33 -3.89 5.49 4.99
N GLY A 34 -3.81 4.45 4.18
CA GLY A 34 -3.80 3.07 4.66
C GLY A 34 -5.06 2.69 5.40
N GLU A 35 -6.21 3.15 4.93
CA GLU A 35 -7.45 2.83 5.63
C GLU A 35 -7.87 1.38 5.39
N HIS A 36 -7.97 0.62 6.47
CA HIS A 36 -8.44 -0.75 6.41
C HIS A 36 -9.89 -0.90 5.95
N ILE A 37 -10.13 -1.95 5.17
CA ILE A 37 -11.48 -2.45 4.96
C ILE A 37 -11.59 -3.67 5.86
N ILE A 38 -12.54 -3.64 6.78
CA ILE A 38 -12.56 -4.64 7.85
C ILE A 38 -13.73 -5.58 7.68
N TYR A 39 -13.43 -6.87 7.60
CA TYR A 39 -14.46 -7.87 7.49
C TYR A 39 -14.52 -8.65 8.81
N THR A 40 -15.67 -8.57 9.46
CA THR A 40 -15.90 -9.27 10.72
C THR A 40 -17.01 -10.27 10.51
N SER A 41 -16.80 -11.50 10.98
CA SER A 41 -17.81 -12.52 10.78
C SER A 41 -17.96 -13.38 12.03
N ASP A 42 -19.20 -13.52 12.50
CA ASP A 42 -19.51 -14.37 13.65
C ASP A 42 -20.16 -15.67 13.17
N PHE A 43 -19.72 -16.79 13.70
CA PHE A 43 -20.24 -18.09 13.24
C PHE A 43 -20.18 -19.23 14.26
N LYS A 44 -21.06 -20.20 14.05
CA LYS A 44 -21.09 -21.43 14.82
C LYS A 44 -20.34 -22.54 14.10
N ILE A 45 -19.58 -23.32 14.85
CA ILE A 45 -18.88 -24.48 14.31
C ILE A 45 -19.62 -25.74 14.74
N ASP A 46 -20.08 -26.55 13.78
CA ASP A 46 -20.77 -27.80 14.11
C ASP A 46 -19.83 -28.72 14.86
N ASN A 47 -20.35 -29.51 15.78
CA ASN A 47 -19.56 -30.50 16.49
C ASN A 47 -18.92 -31.53 15.53
N ALA A 48 -19.54 -31.69 14.37
CA ALA A 48 -19.09 -32.68 13.40
C ALA A 48 -17.75 -32.28 12.77
N VAL A 49 -17.34 -31.03 12.99
CA VAL A 49 -16.09 -30.55 12.45
C VAL A 49 -14.96 -31.16 13.26
N LYS A 50 -13.89 -31.56 12.59
CA LYS A 50 -12.80 -32.22 13.28
C LYS A 50 -11.47 -31.62 12.87
N ALA A 51 -10.42 -31.94 13.61
CA ALA A 51 -9.10 -31.39 13.38
C ALA A 51 -8.64 -31.70 11.97
N GLY A 52 -8.15 -30.68 11.27
CA GLY A 52 -7.68 -30.85 9.91
C GLY A 52 -8.72 -30.47 8.88
N ASP A 53 -9.98 -30.39 9.27
CA ASP A 53 -10.99 -29.86 8.35
C ASP A 53 -10.64 -28.43 7.98
N THR A 54 -11.16 -27.95 6.86
CA THR A 54 -10.89 -26.60 6.42
C THR A 54 -12.15 -25.81 6.15
N MET A 55 -12.07 -24.48 6.31
CA MET A 55 -13.13 -23.62 5.81
C MET A 55 -12.53 -22.49 5.00
N THR A 56 -13.30 -21.97 4.05
CA THR A 56 -12.80 -20.87 3.23
C THR A 56 -13.49 -19.54 3.56
N VAL A 57 -12.75 -18.45 3.35
CA VAL A 57 -13.28 -17.10 3.48
C VAL A 57 -12.72 -16.32 2.30
N LYS A 58 -13.59 -15.59 1.62
CA LYS A 58 -13.21 -14.89 0.39
C LYS A 58 -13.17 -13.36 0.58
N TYR A 59 -12.03 -12.76 0.24
CA TYR A 59 -11.95 -11.30 0.16
C TYR A 59 -12.66 -10.83 -1.09
N ASP A 60 -13.16 -9.59 -1.06
CA ASP A 60 -13.57 -8.92 -2.29
C ASP A 60 -12.35 -8.83 -3.20
N LYS A 61 -12.55 -8.96 -4.51
CA LYS A 61 -11.39 -9.00 -5.43
C LYS A 61 -10.58 -7.70 -5.41
N HIS A 62 -11.21 -6.59 -5.01
CA HIS A 62 -10.52 -5.31 -5.01
C HIS A 62 -9.73 -5.04 -3.74
N THR A 63 -9.64 -6.04 -2.87
CA THR A 63 -8.87 -5.90 -1.63
C THR A 63 -7.74 -6.92 -1.54
N ILE A 64 -6.85 -6.72 -0.60
CA ILE A 64 -5.66 -7.56 -0.46
C ILE A 64 -5.19 -7.47 1.00
N PRO A 65 -4.61 -8.56 1.54
CA PRO A 65 -4.23 -8.53 2.96
C PRO A 65 -3.11 -7.57 3.29
N SER A 66 -2.35 -7.15 2.27
CA SER A 66 -1.28 -6.18 2.49
C SER A 66 -1.08 -5.31 1.26
N ASP A 67 -0.99 -4.00 1.46
CA ASP A 67 -0.82 -3.07 0.34
C ASP A 67 0.64 -2.81 -0.01
N ILE A 68 1.56 -3.19 0.88
CA ILE A 68 2.95 -2.80 0.68
C ILE A 68 3.97 -3.95 0.79
N THR A 69 3.59 -5.07 1.41
CA THR A 69 4.46 -6.25 1.37
C THR A 69 3.81 -7.40 0.66
N ASP A 70 4.55 -8.48 0.48
CA ASP A 70 4.03 -9.67 -0.18
C ASP A 70 3.65 -10.75 0.83
N ASP A 71 3.78 -10.46 2.12
CA ASP A 71 3.37 -11.40 3.15
C ASP A 71 1.87 -11.29 3.45
N PHE A 72 1.12 -12.30 3.04
CA PHE A 72 -0.32 -12.25 3.14
C PHE A 72 -0.89 -13.20 4.18
N THR A 73 -0.03 -13.67 5.10
CA THR A 73 -0.45 -14.59 6.15
C THR A 73 -1.60 -13.99 6.98
N PRO A 74 -2.72 -14.71 7.07
CA PRO A 74 -3.89 -14.22 7.79
C PRO A 74 -3.75 -14.45 9.27
N VAL A 75 -4.48 -13.67 10.06
CA VAL A 75 -4.54 -13.90 11.48
C VAL A 75 -5.26 -15.24 11.75
N ASP A 76 -4.83 -15.94 12.79
CA ASP A 76 -5.53 -17.14 13.26
C ASP A 76 -6.98 -16.87 13.67
N ILE A 77 -7.83 -17.89 13.63
CA ILE A 77 -9.10 -17.79 14.32
C ILE A 77 -8.89 -18.28 15.74
N THR A 78 -9.29 -17.49 16.73
CA THR A 78 -9.08 -17.87 18.14
C THR A 78 -10.36 -17.75 18.95
N ASP A 79 -10.31 -18.23 20.19
CA ASP A 79 -11.43 -18.04 21.11
C ASP A 79 -11.09 -16.77 21.93
N PRO A 80 -11.98 -16.36 22.87
CA PRO A 80 -11.67 -15.11 23.57
C PRO A 80 -10.33 -15.07 24.30
N SER A 81 -9.76 -16.22 24.63
CA SER A 81 -8.51 -16.24 25.39
C SER A 81 -7.29 -16.33 24.49
N GLY A 82 -7.53 -16.37 23.18
CA GLY A 82 -6.45 -16.47 22.21
C GLY A 82 -6.05 -17.90 21.89
N GLU A 83 -6.80 -18.87 22.42
CA GLU A 83 -6.57 -20.27 22.02
C GLU A 83 -6.85 -20.39 20.55
N VAL A 84 -5.93 -21.00 19.82
CA VAL A 84 -6.06 -21.09 18.37
C VAL A 84 -7.06 -22.17 17.91
N ILE A 85 -8.10 -21.71 17.21
CA ILE A 85 -9.12 -22.57 16.65
C ILE A 85 -8.77 -23.05 15.23
N ALA A 86 -8.10 -22.18 14.48
CA ALA A 86 -7.76 -22.50 13.10
C ALA A 86 -6.65 -21.60 12.60
N LYS A 87 -5.75 -22.16 11.79
CA LYS A 87 -4.68 -21.39 11.16
C LYS A 87 -4.95 -21.28 9.66
N GLY A 88 -4.64 -20.12 9.09
CA GLY A 88 -5.01 -19.87 7.71
C GLY A 88 -3.86 -19.71 6.74
N THR A 89 -4.13 -20.07 5.49
CA THR A 89 -3.19 -19.77 4.42
C THR A 89 -3.95 -19.03 3.34
N PHE A 90 -3.30 -18.04 2.74
CA PHE A 90 -3.96 -17.18 1.78
C PHE A 90 -3.53 -17.52 0.36
N ASP A 91 -4.49 -17.51 -0.55
CA ASP A 91 -4.21 -17.72 -1.96
C ASP A 91 -4.46 -16.43 -2.74
N LEU A 92 -3.40 -15.83 -3.24
CA LEU A 92 -3.52 -14.51 -3.86
C LEU A 92 -4.48 -14.51 -5.05
N ASN A 93 -4.35 -15.48 -5.94
CA ASN A 93 -5.09 -15.40 -7.19
C ASN A 93 -6.60 -15.47 -6.98
N THR A 94 -7.03 -16.25 -5.98
CA THR A 94 -8.44 -16.38 -5.68
C THR A 94 -8.86 -15.50 -4.51
N LYS A 95 -7.90 -14.81 -3.88
CA LYS A 95 -8.15 -13.92 -2.74
C LYS A 95 -8.97 -14.66 -1.70
N THR A 96 -8.49 -15.84 -1.32
CA THR A 96 -9.24 -16.74 -0.47
C THR A 96 -8.35 -17.24 0.64
N ILE A 97 -8.86 -17.23 1.87
CA ILE A 97 -8.18 -17.88 2.98
C ILE A 97 -8.72 -19.30 3.14
N THR A 98 -7.81 -20.24 3.32
CA THR A 98 -8.23 -21.56 3.75
C THR A 98 -7.76 -21.70 5.18
N TYR A 99 -8.72 -21.76 6.10
CA TYR A 99 -8.46 -22.01 7.51
C TYR A 99 -8.48 -23.51 7.79
N LYS A 100 -7.43 -24.01 8.43
CA LYS A 100 -7.39 -25.41 8.81
C LYS A 100 -7.60 -25.54 10.31
N PHE A 101 -8.64 -26.25 10.71
CA PHE A 101 -8.95 -26.37 12.13
C PHE A 101 -7.91 -27.19 12.88
N THR A 102 -7.53 -26.65 14.02
CA THR A 102 -6.69 -27.35 14.99
C THR A 102 -7.53 -28.35 15.78
N ASP A 103 -6.91 -29.02 16.75
CA ASP A 103 -7.62 -30.00 17.55
C ASP A 103 -8.54 -29.36 18.58
N TYR A 104 -8.60 -28.03 18.58
CA TYR A 104 -9.58 -27.28 19.37
C TYR A 104 -10.97 -27.85 19.13
N VAL A 105 -11.26 -28.21 17.88
CA VAL A 105 -12.58 -28.72 17.52
C VAL A 105 -12.77 -30.22 17.86
N ASP A 106 -11.72 -30.85 18.36
CA ASP A 106 -11.84 -32.20 18.93
C ASP A 106 -11.98 -32.15 20.46
N ARG A 107 -11.44 -31.08 21.04
CA ARG A 107 -11.40 -30.90 22.49
C ARG A 107 -12.63 -30.20 23.04
N TYR A 108 -13.26 -29.35 22.24
CA TYR A 108 -14.42 -28.59 22.71
C TYR A 108 -15.60 -28.74 21.77
N GLU A 109 -16.79 -28.55 22.32
CA GLU A 109 -18.02 -28.75 21.57
C GLU A 109 -18.89 -27.52 21.71
N ASN A 110 -19.94 -27.45 20.90
CA ASN A 110 -20.84 -26.30 20.85
C ASN A 110 -20.07 -24.99 20.74
N VAL A 111 -19.14 -24.94 19.78
CA VAL A 111 -18.25 -23.82 19.68
C VAL A 111 -18.72 -22.78 18.66
N ASN A 112 -18.73 -21.53 19.10
CA ASN A 112 -18.92 -20.43 18.16
C ASN A 112 -17.70 -19.54 18.21
N ALA A 113 -17.43 -18.81 17.13
CA ALA A 113 -16.27 -17.93 17.13
C ALA A 113 -16.50 -16.68 16.30
N LYS A 114 -15.56 -15.76 16.41
CA LYS A 114 -15.57 -14.53 15.64
C LYS A 114 -14.23 -14.36 14.95
N LEU A 115 -14.24 -13.87 13.73
CA LEU A 115 -12.97 -13.46 13.15
C LEU A 115 -13.11 -12.11 12.49
N GLU A 116 -11.99 -11.41 12.50
CA GLU A 116 -11.93 -10.05 12.03
C GLU A 116 -10.76 -10.02 11.08
N LEU A 117 -11.00 -9.56 9.85
CA LEU A 117 -9.93 -9.50 8.86
C LEU A 117 -9.68 -8.06 8.40
N ASN A 118 -8.44 -7.61 8.52
CA ASN A 118 -8.04 -6.30 8.00
C ASN A 118 -7.49 -6.44 6.59
N SER A 119 -8.03 -5.69 5.65
CA SER A 119 -7.53 -5.69 4.29
C SER A 119 -7.34 -4.26 3.76
N TYR A 120 -6.59 -4.15 2.67
CA TYR A 120 -6.33 -2.88 1.98
C TYR A 120 -6.89 -2.92 0.58
N ILE A 121 -7.13 -1.75 -0.02
CA ILE A 121 -7.51 -1.75 -1.41
C ILE A 121 -6.34 -2.33 -2.21
N ASP A 122 -6.66 -3.18 -3.18
CA ASP A 122 -5.66 -3.74 -4.08
C ASP A 122 -5.49 -2.79 -5.27
N LYS A 123 -4.33 -2.13 -5.34
CA LYS A 123 -4.12 -1.09 -6.34
C LYS A 123 -4.03 -1.66 -7.77
N LYS A 124 -3.71 -2.94 -7.90
CA LYS A 124 -3.74 -3.60 -9.21
C LYS A 124 -5.17 -3.63 -9.72
N GLU A 125 -6.12 -3.88 -8.81
CA GLU A 125 -7.54 -3.95 -9.17
C GLU A 125 -8.23 -2.58 -9.12
N VAL A 126 -7.61 -1.60 -8.47
CA VAL A 126 -8.24 -0.29 -8.37
C VAL A 126 -7.23 0.78 -8.78
N PRO A 127 -6.95 0.89 -10.09
CA PRO A 127 -5.95 1.83 -10.59
C PRO A 127 -6.31 3.28 -10.28
N ASN A 128 -7.60 3.60 -10.38
CA ASN A 128 -8.06 4.96 -10.19
C ASN A 128 -9.25 5.08 -9.24
N GLU A 129 -9.57 6.29 -8.83
CA GLU A 129 -10.70 6.54 -7.94
C GLU A 129 -11.96 6.00 -8.59
N THR A 130 -12.82 5.37 -7.80
CA THR A 130 -14.00 4.70 -8.37
C THR A 130 -15.01 4.33 -7.30
N ASN A 131 -16.18 3.89 -7.73
CA ASN A 131 -17.15 3.30 -6.81
C ASN A 131 -17.01 1.79 -6.81
N LEU A 132 -17.10 1.18 -5.63
CA LEU A 132 -17.06 -0.27 -5.52
C LEU A 132 -18.22 -0.79 -4.70
N ASN A 133 -18.79 -1.91 -5.14
CA ASN A 133 -19.65 -2.68 -4.26
C ASN A 133 -18.82 -3.82 -3.72
N LEU A 134 -18.22 -3.63 -2.55
CA LEU A 134 -17.42 -4.68 -1.93
C LEU A 134 -18.29 -5.86 -1.51
N THR A 135 -17.85 -7.08 -1.79
CA THR A 135 -18.54 -8.27 -1.30
C THR A 135 -17.55 -9.17 -0.58
N PHE A 136 -17.82 -9.46 0.69
CA PHE A 136 -17.00 -10.41 1.44
C PHE A 136 -17.87 -11.64 1.71
N ALA A 137 -17.24 -12.81 1.73
CA ALA A 137 -18.01 -14.05 1.79
C ALA A 137 -17.40 -15.06 2.73
N THR A 138 -18.19 -15.48 3.71
CA THR A 138 -17.92 -16.68 4.47
C THR A 138 -18.91 -17.71 3.95
N ALA A 139 -18.59 -18.34 2.82
CA ALA A 139 -19.48 -19.30 2.18
C ALA A 139 -20.09 -20.23 3.24
N ASP A 140 -21.42 -20.33 3.31
CA ASP A 140 -22.38 -19.88 2.30
C ASP A 140 -22.69 -18.38 2.18
N LYS A 141 -22.33 -17.60 3.19
CA LYS A 141 -22.95 -16.28 3.35
C LYS A 141 -22.13 -15.08 2.84
N GLU A 142 -22.83 -14.12 2.24
CA GLU A 142 -22.20 -12.94 1.66
C GLU A 142 -22.67 -11.66 2.33
N THR A 143 -21.79 -10.66 2.37
CA THR A 143 -22.17 -9.35 2.86
C THR A 143 -21.53 -8.30 1.94
N SER A 144 -22.27 -7.23 1.65
CA SER A 144 -21.81 -6.25 0.68
C SER A 144 -21.91 -4.82 1.20
N LYS A 145 -21.09 -3.94 0.63
CA LYS A 145 -21.07 -2.54 1.02
C LYS A 145 -20.55 -1.67 -0.13
N ASN A 146 -21.27 -0.59 -0.42
CA ASN A 146 -20.84 0.33 -1.45
C ASN A 146 -19.88 1.35 -0.86
N VAL A 147 -18.74 1.54 -1.51
CA VAL A 147 -17.80 2.54 -1.05
C VAL A 147 -17.24 3.35 -2.20
N LYS A 148 -16.59 4.45 -1.87
CA LYS A 148 -15.80 5.21 -2.83
C LYS A 148 -14.34 5.07 -2.42
N VAL A 149 -13.49 4.78 -3.39
CA VAL A 149 -12.06 4.75 -3.15
C VAL A 149 -11.47 6.09 -3.53
N GLU A 150 -10.73 6.70 -2.61
CA GLU A 150 -10.09 7.98 -2.87
C GLU A 150 -8.58 7.88 -2.75
N TYR A 151 -7.89 8.51 -3.70
CA TYR A 151 -6.44 8.56 -3.67
C TYR A 151 -5.97 9.99 -3.39
N GLN A 152 -4.68 10.16 -3.18
CA GLN A 152 -4.10 11.44 -2.83
C GLN A 152 -4.04 12.37 -4.04
N LYS A 153 -3.70 13.63 -3.78
CA LYS A 153 -3.49 14.58 -4.87
C LYS A 153 -2.11 15.20 -4.74
N PRO A 154 -1.57 15.73 -5.84
CA PRO A 154 -0.23 16.30 -5.72
C PRO A 154 -0.23 17.65 -4.98
N ILE A 155 0.87 17.96 -4.34
CA ILE A 155 1.09 19.32 -3.90
C ILE A 155 1.43 20.14 -5.15
N VAL A 156 0.74 21.26 -5.34
CA VAL A 156 1.02 22.13 -6.48
C VAL A 156 1.43 23.53 -6.04
N LYS A 157 2.59 23.98 -6.53
CA LYS A 157 3.04 25.36 -6.32
C LYS A 157 3.58 25.85 -7.65
N ASP A 158 2.80 26.67 -8.35
CA ASP A 158 3.11 27.08 -9.71
C ASP A 158 3.34 25.85 -10.59
N GLU A 159 4.49 25.73 -11.25
CA GLU A 159 4.67 24.54 -12.07
C GLU A 159 5.26 23.37 -11.30
N SER A 160 5.67 23.59 -10.06
CA SER A 160 6.13 22.48 -9.25
C SER A 160 4.91 21.70 -8.75
N ASN A 161 4.82 20.44 -9.17
CA ASN A 161 3.74 19.57 -8.73
C ASN A 161 4.23 18.14 -8.65
N ILE A 162 3.99 17.50 -7.52
CA ILE A 162 4.61 16.22 -7.24
C ILE A 162 3.79 15.47 -6.20
N GLN A 163 3.87 14.15 -6.26
CA GLN A 163 3.30 13.28 -5.22
C GLN A 163 4.12 11.99 -5.18
N SER A 164 3.97 11.22 -4.12
CA SER A 164 4.68 9.96 -4.00
C SER A 164 4.03 9.05 -2.98
N ILE A 165 4.28 7.75 -3.12
CA ILE A 165 3.92 6.77 -2.08
C ILE A 165 5.08 5.80 -1.90
N PHE A 166 5.15 5.18 -0.72
CA PHE A 166 5.94 3.96 -0.61
C PHE A 166 5.11 2.85 -1.25
N SER A 167 5.60 2.28 -2.35
CA SER A 167 4.85 1.26 -3.08
C SER A 167 5.27 -0.17 -2.75
N HIS A 168 6.41 -0.34 -2.09
CA HIS A 168 6.81 -1.66 -1.64
C HIS A 168 7.78 -1.59 -0.47
N LEU A 169 7.67 -2.58 0.40
CA LEU A 169 8.56 -2.73 1.53
C LEU A 169 9.05 -4.18 1.63
N ASP A 170 10.36 -4.35 1.75
CA ASP A 170 10.96 -5.68 1.90
C ASP A 170 11.69 -5.70 3.24
N THR A 171 11.15 -6.46 4.19
CA THR A 171 11.68 -6.44 5.55
C THR A 171 12.79 -7.46 5.77
N THR A 172 13.10 -8.26 4.76
CA THR A 172 14.24 -9.17 4.89
C THR A 172 15.48 -8.50 4.33
N LYS A 173 15.34 -7.88 3.15
CA LYS A 173 16.43 -7.12 2.52
C LYS A 173 16.55 -5.71 3.06
N HIS A 174 15.56 -5.30 3.86
CA HIS A 174 15.50 -3.95 4.41
C HIS A 174 15.58 -2.88 3.32
N GLU A 175 14.67 -2.97 2.35
CA GLU A 175 14.59 -2.01 1.26
C GLU A 175 13.16 -1.48 1.14
N VAL A 176 13.01 -0.21 0.80
CA VAL A 176 11.69 0.34 0.59
C VAL A 176 11.69 0.92 -0.83
N GLU A 177 10.56 0.84 -1.49
CA GLU A 177 10.40 1.34 -2.84
C GLU A 177 9.52 2.58 -2.82
N GLN A 178 10.01 3.70 -3.38
CA GLN A 178 9.19 4.89 -3.49
C GLN A 178 8.84 5.17 -4.94
N THR A 179 7.54 5.28 -5.20
CA THR A 179 7.10 5.64 -6.54
C THR A 179 6.67 7.11 -6.54
N ILE A 180 7.41 7.92 -7.30
CA ILE A 180 7.21 9.37 -7.36
C ILE A 180 6.67 9.85 -8.69
N TYR A 181 5.54 10.55 -8.68
CA TYR A 181 5.03 11.20 -9.87
C TYR A 181 5.59 12.62 -9.96
N VAL A 182 6.39 12.88 -10.99
CA VAL A 182 6.93 14.21 -11.22
C VAL A 182 6.17 14.91 -12.34
N ASN A 183 5.68 16.11 -12.03
CA ASN A 183 4.88 16.89 -12.96
C ASN A 183 3.71 16.07 -13.54
N PRO A 184 2.87 15.46 -12.66
CA PRO A 184 1.73 14.69 -13.19
C PRO A 184 0.77 15.53 -14.01
N LEU A 185 0.72 16.82 -13.72
CA LEU A 185 -0.17 17.74 -14.42
C LEU A 185 0.32 18.08 -15.83
N LYS A 186 1.49 17.57 -16.21
CA LYS A 186 2.06 17.78 -17.54
C LYS A 186 2.19 19.28 -17.87
N LEU A 187 2.69 20.05 -16.92
CA LEU A 187 2.91 21.48 -17.14
C LEU A 187 4.28 21.74 -17.75
N ASN A 188 4.49 22.97 -18.21
CA ASN A 188 5.80 23.41 -18.65
C ASN A 188 6.64 23.80 -17.48
N ALA A 189 7.40 22.86 -16.95
CA ALA A 189 8.14 23.10 -15.73
C ALA A 189 9.59 23.42 -16.05
N LYS A 190 9.97 24.69 -15.90
CA LYS A 190 11.30 25.14 -16.29
C LYS A 190 12.33 24.81 -15.23
N ASN A 191 13.52 24.39 -15.65
CA ASN A 191 14.62 24.06 -14.73
C ASN A 191 14.21 23.10 -13.61
N THR A 192 13.56 22.02 -14.01
CA THR A 192 13.03 21.09 -13.02
C THR A 192 14.11 20.30 -12.30
N ASN A 193 14.07 20.35 -10.97
CA ASN A 193 14.87 19.47 -10.16
C ASN A 193 13.99 18.73 -9.15
N VAL A 194 14.37 17.50 -8.86
CA VAL A 194 13.69 16.70 -7.85
C VAL A 194 14.74 16.13 -6.92
N THR A 195 14.60 16.48 -5.65
CA THR A 195 15.50 16.04 -4.62
C THR A 195 14.82 14.97 -3.77
N ILE A 196 15.55 13.92 -3.44
CA ILE A 196 15.01 12.80 -2.67
C ILE A 196 15.88 12.65 -1.46
N LYS A 197 15.28 12.59 -0.29
CA LYS A 197 16.08 12.60 0.92
C LYS A 197 15.44 11.82 2.04
N SER A 198 16.30 11.24 2.87
CA SER A 198 15.85 10.61 4.10
C SER A 198 15.20 11.64 5.01
N GLY A 199 14.15 11.25 5.72
CA GLY A 199 13.48 12.17 6.61
C GLY A 199 12.36 12.89 5.89
N GLY A 200 12.11 14.15 6.27
CA GLY A 200 10.97 14.86 5.74
C GLY A 200 11.20 15.98 4.73
N VAL A 201 10.17 16.25 3.94
CA VAL A 201 10.08 17.43 3.11
C VAL A 201 8.68 17.98 3.26
N ALA A 202 8.57 19.17 3.85
CA ALA A 202 7.27 19.80 4.08
C ALA A 202 6.59 20.11 2.75
N ASP A 203 5.30 20.41 2.79
CA ASP A 203 4.55 20.70 1.57
C ASP A 203 5.19 21.83 0.75
N ASN A 204 5.74 22.82 1.41
CA ASN A 204 6.34 23.96 0.73
C ASN A 204 7.81 23.75 0.37
N GLY A 205 8.31 22.55 0.63
CA GLY A 205 9.66 22.19 0.24
C GLY A 205 10.67 22.19 1.37
N ASP A 206 10.30 22.70 2.54
CA ASP A 206 11.20 22.78 3.68
C ASP A 206 11.65 21.40 4.17
N TYR A 207 12.95 21.21 4.34
CA TYR A 207 13.48 19.95 4.86
C TYR A 207 13.26 19.90 6.37
N TYR A 208 12.93 18.71 6.87
CA TYR A 208 12.90 18.51 8.31
C TYR A 208 13.38 17.10 8.62
N THR A 209 13.94 16.91 9.81
CA THR A 209 14.53 15.63 10.18
C THR A 209 13.50 14.51 10.10
N GLY A 210 12.37 14.71 10.77
CA GLY A 210 11.23 13.82 10.64
C GLY A 210 11.27 12.66 11.62
N ASP A 211 10.37 11.69 11.41
CA ASP A 211 10.21 10.62 12.37
C ASP A 211 10.72 9.27 11.85
N GLY A 212 11.32 9.28 10.67
CA GLY A 212 11.94 8.09 10.12
C GLY A 212 13.12 8.44 9.24
N SER A 213 13.76 7.42 8.69
CA SER A 213 14.95 7.64 7.90
C SER A 213 15.18 6.52 6.90
N THR A 214 15.86 6.87 5.80
CA THR A 214 16.37 5.87 4.89
C THR A 214 17.84 6.09 4.64
N ILE A 215 18.45 5.15 3.93
CA ILE A 215 19.83 5.29 3.52
C ILE A 215 19.84 5.60 2.01
N ILE A 216 20.36 6.76 1.65
CA ILE A 216 20.54 7.10 0.25
C ILE A 216 22.02 7.42 -0.01
N ASP A 217 22.63 6.66 -0.93
CA ASP A 217 24.04 6.80 -1.25
C ASP A 217 24.30 6.33 -2.69
N SER A 218 25.55 6.07 -3.02
CA SER A 218 25.86 5.74 -4.42
C SER A 218 25.22 4.42 -4.87
N ASN A 219 24.72 3.60 -3.95
CA ASN A 219 24.17 2.29 -4.31
C ASN A 219 22.66 2.23 -4.31
N THR A 220 22.02 3.30 -3.86
CA THR A 220 20.59 3.50 -4.04
C THR A 220 20.21 3.32 -5.50
N GLU A 221 19.09 2.66 -5.76
CA GLU A 221 18.63 2.49 -7.13
C GLU A 221 17.63 3.58 -7.50
N ILE A 222 17.87 4.24 -8.63
CA ILE A 222 17.01 5.32 -9.07
C ILE A 222 16.76 5.19 -10.55
N LYS A 223 15.49 5.07 -10.92
CA LYS A 223 15.12 4.91 -12.31
C LYS A 223 14.13 6.00 -12.67
N VAL A 224 14.27 6.55 -13.86
CA VAL A 224 13.37 7.60 -14.32
C VAL A 224 12.71 7.21 -15.62
N TYR A 225 11.40 7.43 -15.68
CA TYR A 225 10.62 7.02 -16.82
C TYR A 225 9.80 8.18 -17.33
N LYS A 226 9.87 8.43 -18.63
CA LYS A 226 9.07 9.49 -19.21
C LYS A 226 7.68 8.98 -19.54
N VAL A 227 6.69 9.83 -19.33
CA VAL A 227 5.30 9.53 -19.60
C VAL A 227 4.89 10.28 -20.84
N ALA A 228 4.37 9.57 -21.83
CA ALA A 228 3.93 10.19 -23.06
C ALA A 228 2.70 11.04 -22.78
N SER A 229 2.41 11.98 -23.67
CA SER A 229 1.30 12.91 -23.45
C SER A 229 -0.05 12.22 -23.56
N GLY A 230 -0.10 11.11 -24.30
CA GLY A 230 -1.33 10.35 -24.42
C GLY A 230 -1.57 9.41 -23.24
N GLN A 231 -0.56 9.24 -22.40
CA GLN A 231 -0.66 8.30 -21.29
C GLN A 231 -1.18 8.95 -20.03
N GLN A 232 -2.07 8.25 -19.33
CA GLN A 232 -2.60 8.73 -18.06
C GLN A 232 -2.08 7.84 -16.95
N LEU A 233 -1.49 8.45 -15.92
CA LEU A 233 -0.97 7.70 -14.79
C LEU A 233 -2.08 7.24 -13.87
N PRO A 234 -1.99 6.00 -13.38
CA PRO A 234 -2.97 5.55 -12.37
C PRO A 234 -2.90 6.39 -11.09
N GLN A 235 -4.06 6.86 -10.64
CA GLN A 235 -4.16 7.67 -9.43
C GLN A 235 -3.69 6.90 -8.19
N SER A 236 -3.60 5.58 -8.32
CA SER A 236 -3.17 4.71 -7.22
C SER A 236 -1.71 4.98 -6.87
N ASN A 237 -0.98 5.56 -7.82
CA ASN A 237 0.44 5.88 -7.62
C ASN A 237 1.30 4.61 -7.59
N LYS A 238 0.75 3.50 -8.06
CA LYS A 238 1.52 2.26 -8.17
C LYS A 238 1.53 1.73 -9.61
N ILE A 239 2.72 1.48 -10.13
CA ILE A 239 2.87 1.02 -11.52
C ILE A 239 3.19 -0.47 -11.53
N TYR A 240 2.43 -1.24 -12.30
CA TYR A 240 2.65 -2.68 -12.33
C TYR A 240 3.41 -3.17 -13.57
N ASP A 241 3.59 -2.29 -14.55
CA ASP A 241 4.39 -2.63 -15.73
C ASP A 241 5.15 -1.39 -16.23
N TYR A 242 6.42 -1.30 -15.86
CA TYR A 242 7.23 -0.15 -16.22
C TYR A 242 7.68 -0.14 -17.68
N SER A 243 7.56 -1.28 -18.37
CA SER A 243 8.01 -1.39 -19.76
C SER A 243 7.12 -0.53 -20.65
N GLN A 244 5.91 -0.28 -20.16
CA GLN A 244 4.97 0.68 -20.73
C GLN A 244 5.55 2.09 -20.91
N TYR A 245 6.58 2.41 -20.15
CA TYR A 245 7.09 3.77 -20.12
C TYR A 245 8.51 3.87 -20.65
N GLU A 246 8.92 5.07 -21.01
CA GLU A 246 10.22 5.25 -21.62
C GLU A 246 11.28 5.42 -20.54
N ASP A 247 12.18 4.44 -20.42
CA ASP A 247 13.28 4.59 -19.48
C ASP A 247 14.23 5.70 -19.96
N VAL A 248 14.28 6.81 -19.22
CA VAL A 248 15.17 7.91 -19.59
C VAL A 248 16.23 8.16 -18.51
N THR A 249 16.56 7.13 -17.74
CA THR A 249 17.49 7.27 -16.62
C THR A 249 18.85 7.88 -17.04
N ASN A 250 19.33 7.55 -18.23
CA ASN A 250 20.61 8.07 -18.69
C ASN A 250 20.50 9.42 -19.38
N SER A 251 19.27 9.91 -19.50
CA SER A 251 19.01 11.20 -20.13
C SER A 251 19.02 12.33 -19.12
N VAL A 252 18.80 12.01 -17.86
CA VAL A 252 18.81 13.01 -16.81
C VAL A 252 20.06 12.92 -15.95
N THR A 253 20.38 14.00 -15.27
CA THR A 253 21.55 14.06 -14.41
C THR A 253 21.15 13.67 -13.00
N ILE A 254 21.73 12.59 -12.50
CA ILE A 254 21.39 12.08 -11.17
C ILE A 254 22.60 12.10 -10.24
N ASN A 255 22.51 12.91 -9.20
CA ASN A 255 23.56 12.99 -8.19
C ASN A 255 23.08 12.29 -6.91
N LYS A 256 23.61 11.10 -6.67
CA LYS A 256 23.18 10.29 -5.55
C LYS A 256 23.85 10.73 -4.25
N ASN A 257 24.80 11.65 -4.34
CA ASN A 257 25.44 12.18 -3.14
C ASN A 257 25.27 13.69 -3.04
N TYR A 258 24.09 14.16 -3.41
CA TYR A 258 23.74 15.56 -3.36
C TYR A 258 23.83 16.14 -1.93
N GLY A 259 23.73 15.27 -0.93
CA GLY A 259 23.88 15.65 0.47
C GLY A 259 23.95 14.38 1.30
N THR A 260 23.75 14.50 2.61
CA THR A 260 23.71 13.33 3.48
C THR A 260 22.39 12.61 3.31
N ASN A 261 22.47 11.36 2.83
CA ASN A 261 21.27 10.57 2.48
C ASN A 261 20.31 11.42 1.67
N MET A 262 20.78 11.86 0.50
CA MET A 262 20.06 12.83 -0.32
C MET A 262 20.56 12.77 -1.75
N ALA A 263 19.62 12.63 -2.69
CA ALA A 263 19.93 12.53 -4.11
C ALA A 263 19.18 13.61 -4.87
N ASN A 264 19.73 14.02 -6.01
CA ASN A 264 19.01 14.97 -6.83
C ASN A 264 19.00 14.57 -8.30
N ILE A 265 17.85 14.80 -8.92
CA ILE A 265 17.68 14.56 -10.32
C ILE A 265 17.44 15.87 -11.04
N ASN A 266 18.35 16.22 -11.95
CA ASN A 266 18.19 17.42 -12.76
C ASN A 266 17.52 17.08 -14.08
N PHE A 267 16.30 17.56 -14.27
CA PHE A 267 15.50 17.29 -15.47
C PHE A 267 15.66 18.38 -16.55
N GLY A 268 16.08 19.57 -16.14
CA GLY A 268 16.06 20.69 -17.06
C GLY A 268 14.61 21.06 -17.33
N ASP A 269 14.35 21.70 -18.46
CA ASP A 269 12.99 22.09 -18.85
C ASP A 269 12.20 20.88 -19.35
N ILE A 270 11.02 20.64 -18.78
CA ILE A 270 10.18 19.53 -19.23
C ILE A 270 8.78 19.99 -19.58
N ASP A 271 8.05 19.17 -20.32
CA ASP A 271 6.66 19.44 -20.63
C ASP A 271 5.84 18.16 -20.44
N SER A 272 6.43 17.21 -19.74
CA SER A 272 5.84 15.87 -19.60
C SER A 272 5.87 15.42 -18.15
N ALA A 273 4.97 14.50 -17.80
CA ALA A 273 5.05 13.80 -16.51
C ALA A 273 6.21 12.80 -16.55
N TYR A 274 6.79 12.53 -15.38
CA TYR A 274 7.77 11.46 -15.25
C TYR A 274 7.47 10.64 -14.00
N ILE A 275 7.84 9.37 -14.04
CA ILE A 275 7.83 8.53 -12.86
C ILE A 275 9.25 8.32 -12.39
N VAL A 276 9.50 8.54 -11.11
CA VAL A 276 10.79 8.18 -10.54
C VAL A 276 10.58 7.04 -9.52
N LYS A 277 11.27 5.93 -9.72
CA LYS A 277 11.15 4.81 -8.80
C LYS A 277 12.47 4.69 -8.06
N VAL A 278 12.40 4.82 -6.75
CA VAL A 278 13.58 4.75 -5.93
C VAL A 278 13.52 3.51 -5.05
N VAL A 279 14.62 2.75 -5.02
CA VAL A 279 14.78 1.69 -4.04
C VAL A 279 15.96 2.00 -3.15
N SER A 280 15.70 2.17 -1.85
CA SER A 280 16.74 2.53 -0.90
C SER A 280 16.71 1.63 0.31
N LYS A 281 17.81 1.57 1.05
CA LYS A 281 17.84 0.75 2.25
C LYS A 281 17.34 1.55 3.45
N TYR A 282 16.89 0.84 4.48
CA TYR A 282 16.59 1.48 5.75
C TYR A 282 17.25 0.70 6.87
N THR A 283 17.44 1.36 8.00
CA THR A 283 18.02 0.75 9.18
C THR A 283 16.94 0.07 9.99
N PRO A 284 17.04 -1.26 10.14
CA PRO A 284 16.05 -2.06 10.87
C PRO A 284 15.97 -1.64 12.33
N GLY A 285 14.82 -1.84 12.95
CA GLY A 285 14.66 -1.64 14.39
C GLY A 285 14.89 -2.94 15.13
N ALA A 286 15.55 -2.87 16.28
CA ALA A 286 16.05 -4.04 17.01
C ALA A 286 15.02 -5.15 17.21
N GLU A 287 13.78 -4.77 17.52
CA GLU A 287 12.72 -5.75 17.74
C GLU A 287 12.09 -6.15 16.42
N ASP A 288 11.39 -5.20 15.82
CA ASP A 288 10.72 -5.36 14.53
C ASP A 288 10.12 -4.01 14.19
N ASP A 289 10.62 -2.98 14.88
CA ASP A 289 10.09 -1.64 14.77
C ASP A 289 10.57 -0.93 13.51
N LEU A 290 9.64 -0.31 12.80
CA LEU A 290 9.96 0.45 11.61
C LEU A 290 9.84 1.94 11.86
N ALA A 291 10.86 2.68 11.43
CA ALA A 291 10.80 4.13 11.39
C ALA A 291 11.44 4.55 10.06
N VAL A 292 10.66 4.39 9.01
CA VAL A 292 11.10 4.57 7.63
C VAL A 292 10.42 5.79 7.03
N GLN A 293 11.22 6.78 6.63
CA GLN A 293 10.64 8.00 6.09
C GLN A 293 11.55 8.63 5.03
N GLN A 294 10.94 9.09 3.95
CA GLN A 294 11.70 9.63 2.83
C GLN A 294 10.84 10.66 2.13
N GLY A 295 11.45 11.78 1.78
CA GLY A 295 10.72 12.87 1.18
C GLY A 295 11.28 13.33 -0.15
N VAL A 296 10.43 13.98 -0.93
CA VAL A 296 10.80 14.51 -2.22
C VAL A 296 10.49 16.00 -2.30
N ARG A 297 11.35 16.75 -2.97
CA ARG A 297 11.11 18.15 -3.28
C ARG A 297 11.22 18.41 -4.78
N MET A 298 10.21 19.06 -5.35
CA MET A 298 10.33 19.52 -6.72
C MET A 298 10.60 21.03 -6.76
N THR A 299 11.67 21.40 -7.44
CA THR A 299 12.03 22.78 -7.66
C THR A 299 11.82 23.12 -9.13
N THR A 300 11.13 24.23 -9.40
CA THR A 300 11.05 24.77 -10.76
C THR A 300 11.23 26.29 -10.71
N THR A 301 11.46 26.89 -11.88
CA THR A 301 11.56 28.35 -11.99
C THR A 301 10.22 28.92 -12.44
N ASN A 302 9.57 29.71 -11.59
CA ASN A 302 8.25 30.20 -11.94
C ASN A 302 8.34 31.35 -12.95
N LYS A 303 7.20 31.91 -13.34
CA LYS A 303 7.22 32.92 -14.40
C LYS A 303 7.89 34.23 -13.95
N TYR A 304 8.00 34.43 -12.64
CA TYR A 304 8.63 35.65 -12.10
C TYR A 304 10.12 35.44 -11.90
N ASN A 305 10.61 34.32 -12.42
CA ASN A 305 12.02 33.93 -12.37
C ASN A 305 12.56 33.65 -10.97
N TYR A 306 11.69 33.22 -10.07
CA TYR A 306 12.08 32.71 -8.76
C TYR A 306 11.80 31.21 -8.69
N SER A 307 12.54 30.50 -7.84
CA SER A 307 12.25 29.10 -7.58
C SER A 307 10.89 28.94 -6.89
N SER A 308 10.12 27.96 -7.34
CA SER A 308 8.94 27.50 -6.60
C SER A 308 9.12 26.04 -6.17
N TYR A 309 8.65 25.74 -4.97
CA TYR A 309 8.89 24.45 -4.34
C TYR A 309 7.62 23.68 -4.01
N ALA A 310 7.64 22.36 -4.22
CA ALA A 310 6.56 21.49 -3.77
C ALA A 310 7.17 20.27 -3.11
N GLY A 311 6.56 19.80 -2.04
CA GLY A 311 7.14 18.74 -1.26
C GLY A 311 6.18 17.61 -0.96
N TYR A 312 6.74 16.46 -0.60
CA TYR A 312 5.94 15.28 -0.28
C TYR A 312 6.75 14.36 0.58
N THR A 313 6.10 13.74 1.55
CA THR A 313 6.79 12.82 2.44
C THR A 313 5.98 11.52 2.65
N ASN A 314 6.64 10.37 2.47
CA ASN A 314 6.04 9.09 2.84
C ASN A 314 6.70 8.53 4.09
N THR A 315 5.90 7.86 4.91
CA THR A 315 6.35 7.46 6.24
C THR A 315 5.75 6.11 6.54
N ILE A 316 6.55 5.20 7.12
CA ILE A 316 6.04 3.96 7.71
C ILE A 316 6.56 3.81 9.14
N LEU A 317 5.63 3.79 10.10
CA LEU A 317 5.96 3.63 11.52
C LEU A 317 5.31 2.38 12.11
N SER A 318 5.95 1.75 13.09
CA SER A 318 5.48 0.47 13.63
C SER A 318 5.12 0.53 15.12
N THR A 319 5.48 -0.53 15.84
CA THR A 319 5.08 -0.68 17.24
C THR A 319 6.24 -1.06 18.15
#